data_8BZI
#
_entry.id   8BZI
#
_cell.length_a   98.788
_cell.length_b   58.749
_cell.length_c   61.465
_cell.angle_alpha   90.000
_cell.angle_beta   93.051
_cell.angle_gamma   90.000
#
_symmetry.space_group_name_H-M   'C 1 2 1'
#
loop_
_entity.id
_entity.type
_entity.pdbx_description
1 polymer 'Serine/threonine-protein kinase 24'
2 non-polymer 8-(4-azanylbutyl)-6-[2,5-bis(fluoranyl)-4-(6-methylpyridin-2-yl)phenyl]-2-(methylamino)pyrido[2,3-d]pyrimidin-7-one
3 non-polymer 1,2-ETHANEDIOL
4 water water
#
_entity_poly.entity_id   1
_entity_poly.type   'polypeptide(L)'
_entity_poly.pdbx_seq_one_letter_code
;MRAQLWGLALNKRRATLPHPGGSTNLKADPEELFTKLEKIGKGSFGEVFKGIDNRTQKVVAIKIIDLEEAEDEIEDIQQE
ITVLSQCDSPYVTKYYGSYLKDTKLWIIMEYLGGGSALDLLEPGPLDETQIATILREILKGLDYLHSEKKIHRDIKAANV
LLSEHGEVKLADFGVAGQLTDTQIKRNTFVGTPFWMAPEVIKQSAYDSKADIWSLGITAIELARGEPPHSELHPMKVLFL
IPKNNPPTLEGNYSKPLKEFVEACLNKEPSFRPTAKELLKHKFILRNAKKTSYLTELIDAHHHHHH
;
_entity_poly.pdbx_strand_id   A
#
# COMPACT_ATOMS: atom_id res chain seq x y z
N THR A 24 -20.24 -12.32 -0.19
CA THR A 24 -19.67 -13.56 -0.72
C THR A 24 -20.73 -14.41 -1.43
N ASN A 25 -20.53 -14.59 -2.73
CA ASN A 25 -21.47 -15.34 -3.56
C ASN A 25 -21.24 -16.84 -3.40
N LEU A 26 -22.31 -17.57 -3.07
CA LEU A 26 -22.20 -18.98 -2.71
C LEU A 26 -22.67 -19.94 -3.78
N LYS A 27 -23.45 -19.48 -4.77
CA LYS A 27 -23.94 -20.37 -5.83
C LYS A 27 -23.07 -20.30 -7.08
N ALA A 28 -22.67 -19.09 -7.47
CA ALA A 28 -21.91 -18.91 -8.71
C ALA A 28 -20.57 -19.62 -8.61
N ASP A 29 -20.15 -20.20 -9.74
CA ASP A 29 -18.89 -20.92 -9.79
C ASP A 29 -17.81 -19.96 -10.29
N PRO A 30 -16.87 -19.52 -9.45
CA PRO A 30 -15.84 -18.58 -9.93
C PRO A 30 -14.99 -19.15 -11.05
N GLU A 31 -14.90 -20.48 -11.17
CA GLU A 31 -14.10 -21.07 -12.24
C GLU A 31 -14.82 -21.01 -13.58
N GLU A 32 -16.13 -20.80 -13.60
CA GLU A 32 -16.81 -20.48 -14.85
C GLU A 32 -16.77 -18.99 -15.14
N LEU A 33 -16.81 -18.15 -14.10
CA LEU A 33 -16.84 -16.70 -14.28
C LEU A 33 -15.48 -16.11 -14.65
N PHE A 34 -14.38 -16.74 -14.23
CA PHE A 34 -13.06 -16.16 -14.42
C PHE A 34 -12.10 -17.18 -14.99
N THR A 35 -11.16 -16.70 -15.81
CA THR A 35 -10.03 -17.50 -16.27
C THR A 35 -8.82 -17.15 -15.41
N LYS A 36 -8.27 -18.15 -14.75
CA LYS A 36 -7.13 -17.93 -13.85
C LYS A 36 -5.84 -18.06 -14.65
N LEU A 37 -5.01 -17.02 -14.59
CA LEU A 37 -3.75 -17.04 -15.32
C LEU A 37 -2.58 -17.07 -14.35
N GLU A 38 -1.47 -16.41 -14.68
CA GLU A 38 -0.24 -16.62 -13.94
C GLU A 38 -0.30 -15.98 -12.55
N LYS A 39 0.50 -16.52 -11.64
CA LYS A 39 0.67 -15.90 -10.32
C LYS A 39 1.35 -14.55 -10.47
N ILE A 40 0.84 -13.55 -9.74
CA ILE A 40 1.40 -12.21 -9.76
C ILE A 40 1.78 -11.71 -8.39
N GLY A 41 1.55 -12.49 -7.33
CA GLY A 41 2.00 -12.07 -6.02
C GLY A 41 1.59 -13.05 -4.95
N LYS A 42 2.08 -12.78 -3.75
CA LYS A 42 1.68 -13.50 -2.56
C LYS A 42 1.29 -12.45 -1.53
N GLY A 43 -0.01 -12.31 -1.27
CA GLY A 43 -0.51 -11.38 -0.29
C GLY A 43 -0.78 -12.06 1.03
N SER A 44 -1.46 -11.34 1.91
CA SER A 44 -1.94 -11.93 3.13
C SER A 44 -2.89 -13.09 2.83
N PHE A 45 -2.62 -14.24 3.43
CA PHE A 45 -3.49 -15.42 3.52
C PHE A 45 -3.61 -16.24 2.24
N GLY A 46 -2.91 -15.88 1.16
CA GLY A 46 -3.00 -16.71 -0.03
C GLY A 46 -2.24 -16.11 -1.19
N GLU A 47 -2.24 -16.86 -2.30
CA GLU A 47 -1.58 -16.44 -3.51
C GLU A 47 -2.53 -15.67 -4.42
N VAL A 48 -1.96 -14.78 -5.22
CA VAL A 48 -2.73 -13.90 -6.10
C VAL A 48 -2.37 -14.18 -7.54
N PHE A 49 -3.38 -14.21 -8.39
CA PHE A 49 -3.23 -14.53 -9.80
C PHE A 49 -3.79 -13.42 -10.66
N LYS A 50 -3.17 -13.20 -11.81
CA LYS A 50 -3.84 -12.47 -12.87
C LYS A 50 -4.99 -13.33 -13.38
N GLY A 51 -6.11 -12.68 -13.70
CA GLY A 51 -7.27 -13.41 -14.18
C GLY A 51 -8.03 -12.58 -15.19
N ILE A 52 -8.95 -13.23 -15.89
CA ILE A 52 -9.82 -12.57 -16.86
C ILE A 52 -11.26 -12.77 -16.43
N ASP A 53 -12.03 -11.67 -16.38
CA ASP A 53 -13.47 -11.78 -16.22
C ASP A 53 -14.03 -12.24 -17.56
N ASN A 54 -14.63 -13.43 -17.59
CA ASN A 54 -15.00 -14.00 -18.88
C ASN A 54 -16.15 -13.25 -19.54
N ARG A 55 -16.93 -12.49 -18.78
CA ARG A 55 -18.05 -11.78 -19.40
C ARG A 55 -17.61 -10.45 -20.01
N THR A 56 -16.71 -9.71 -19.36
CA THR A 56 -16.26 -8.42 -19.87
C THR A 56 -14.91 -8.48 -20.57
N GLN A 57 -14.12 -9.52 -20.30
CA GLN A 57 -12.74 -9.71 -20.76
C GLN A 57 -11.77 -8.77 -20.08
N LYS A 58 -12.21 -8.05 -19.05
CA LYS A 58 -11.30 -7.24 -18.27
C LYS A 58 -10.37 -8.13 -17.44
N VAL A 59 -9.15 -7.64 -17.24
CA VAL A 59 -8.20 -8.31 -16.37
C VAL A 59 -8.54 -7.98 -14.92
N VAL A 60 -8.48 -8.99 -14.05
CA VAL A 60 -8.69 -8.84 -12.61
C VAL A 60 -7.52 -9.45 -11.87
N ALA A 61 -7.41 -9.09 -10.59
CA ALA A 61 -6.51 -9.77 -9.68
C ALA A 61 -7.34 -10.73 -8.82
N ILE A 62 -6.87 -11.97 -8.69
CA ILE A 62 -7.64 -13.00 -7.98
C ILE A 62 -6.78 -13.56 -6.85
N LYS A 63 -7.24 -13.37 -5.62
CA LYS A 63 -6.63 -14.05 -4.48
C LYS A 63 -7.46 -15.28 -4.12
N ILE A 64 -6.79 -16.43 -3.99
CA ILE A 64 -7.44 -17.68 -3.62
C ILE A 64 -6.90 -18.11 -2.26
N ILE A 65 -7.78 -18.22 -1.28
CA ILE A 65 -7.44 -18.61 0.08
C ILE A 65 -8.12 -19.92 0.39
N ASP A 66 -7.35 -20.91 0.85
CA ASP A 66 -7.90 -22.17 1.31
C ASP A 66 -8.34 -22.00 2.76
N LEU A 67 -9.66 -22.00 2.98
CA LEU A 67 -10.23 -21.74 4.30
C LEU A 67 -10.05 -22.88 5.29
N GLU A 68 -9.54 -24.03 4.87
CA GLU A 68 -9.16 -25.02 5.88
C GLU A 68 -7.75 -24.79 6.40
N GLU A 69 -6.84 -24.36 5.52
CA GLU A 69 -5.46 -24.09 5.94
C GLU A 69 -5.33 -22.75 6.64
N ALA A 70 -6.18 -21.78 6.32
CA ALA A 70 -6.12 -20.46 6.93
C ALA A 70 -7.32 -20.24 7.85
N GLU A 71 -7.55 -21.17 8.77
CA GLU A 71 -8.76 -21.12 9.59
C GLU A 71 -8.68 -20.04 10.66
N ASP A 72 -7.55 -19.89 11.34
CA ASP A 72 -7.45 -18.92 12.42
C ASP A 72 -7.57 -17.48 11.94
N GLU A 73 -7.40 -17.24 10.64
CA GLU A 73 -7.37 -15.89 10.10
C GLU A 73 -8.64 -15.50 9.36
N ILE A 74 -9.70 -16.32 9.43
CA ILE A 74 -10.88 -16.07 8.62
C ILE A 74 -11.53 -14.74 8.99
N GLU A 75 -11.59 -14.42 10.29
CA GLU A 75 -12.23 -13.17 10.69
C GLU A 75 -11.47 -11.95 10.17
N ASP A 76 -10.13 -12.02 10.15
CA ASP A 76 -9.34 -10.94 9.56
C ASP A 76 -9.62 -10.78 8.07
N ILE A 77 -9.77 -11.90 7.35
CA ILE A 77 -10.09 -11.85 5.94
C ILE A 77 -11.43 -11.16 5.72
N GLN A 78 -12.45 -11.60 6.45
CA GLN A 78 -13.77 -10.98 6.39
C GLN A 78 -13.69 -9.49 6.66
N GLN A 79 -12.93 -9.11 7.70
CA GLN A 79 -12.81 -7.69 8.04
C GLN A 79 -12.19 -6.89 6.91
N GLU A 80 -11.17 -7.43 6.24
CA GLU A 80 -10.57 -6.69 5.14
C GLU A 80 -11.53 -6.57 3.96
N ILE A 81 -12.29 -7.63 3.69
CA ILE A 81 -13.29 -7.56 2.62
C ILE A 81 -14.33 -6.49 2.94
N THR A 82 -14.84 -6.48 4.17
CA THR A 82 -15.83 -5.48 4.56
C THR A 82 -15.30 -4.07 4.33
N VAL A 83 -14.07 -3.80 4.76
CA VAL A 83 -13.53 -2.45 4.66
C VAL A 83 -13.38 -2.07 3.19
N LEU A 84 -12.85 -2.97 2.37
CA LEU A 84 -12.66 -2.63 0.96
C LEU A 84 -14.00 -2.42 0.27
N SER A 85 -15.02 -3.20 0.67
CA SER A 85 -16.35 -3.08 0.08
C SER A 85 -17.01 -1.75 0.42
N GLN A 86 -16.54 -1.07 1.45
CA GLN A 86 -17.08 0.23 1.84
C GLN A 86 -16.34 1.39 1.21
N CYS A 87 -15.28 1.13 0.47
CA CYS A 87 -14.49 2.19 -0.15
C CYS A 87 -14.95 2.42 -1.57
N ASP A 88 -15.01 3.69 -1.95
CA ASP A 88 -15.34 4.03 -3.33
C ASP A 88 -14.55 5.30 -3.68
N SER A 89 -13.33 5.10 -4.14
CA SER A 89 -12.39 6.17 -4.37
C SER A 89 -11.47 5.81 -5.53
N PRO A 90 -11.12 6.78 -6.37
CA PRO A 90 -10.06 6.53 -7.38
C PRO A 90 -8.74 6.10 -6.77
N TYR A 91 -8.52 6.33 -5.46
CA TYR A 91 -7.23 6.09 -4.84
C TYR A 91 -7.17 4.79 -4.06
N VAL A 92 -8.23 3.96 -4.10
CA VAL A 92 -8.27 2.69 -3.38
C VAL A 92 -8.64 1.59 -4.37
N THR A 93 -7.84 0.53 -4.40
CA THR A 93 -8.08 -0.57 -5.33
C THR A 93 -9.48 -1.13 -5.14
N LYS A 94 -10.19 -1.30 -6.26
CA LYS A 94 -11.59 -1.71 -6.20
C LYS A 94 -11.73 -3.20 -5.88
N TYR A 95 -12.79 -3.50 -5.13
CA TYR A 95 -13.18 -4.87 -4.79
C TYR A 95 -14.41 -5.23 -5.59
N TYR A 96 -14.36 -6.36 -6.29
CA TYR A 96 -15.44 -6.75 -7.18
C TYR A 96 -16.36 -7.82 -6.60
N GLY A 97 -15.95 -8.50 -5.54
CA GLY A 97 -16.78 -9.56 -4.99
C GLY A 97 -15.94 -10.77 -4.60
N SER A 98 -16.57 -11.72 -3.92
CA SER A 98 -15.87 -12.94 -3.53
C SER A 98 -16.81 -14.12 -3.71
N TYR A 99 -16.19 -15.30 -3.86
CA TYR A 99 -16.88 -16.53 -4.20
C TYR A 99 -16.30 -17.65 -3.38
N LEU A 100 -17.14 -18.57 -2.97
CA LEU A 100 -16.67 -19.72 -2.21
C LEU A 100 -16.93 -20.95 -3.07
N LYS A 101 -15.87 -21.68 -3.43
CA LYS A 101 -16.00 -22.96 -4.13
C LYS A 101 -15.22 -24.03 -3.37
N ASP A 102 -15.93 -25.09 -2.98
CA ASP A 102 -15.41 -26.09 -2.05
C ASP A 102 -14.78 -25.36 -0.86
N THR A 103 -13.51 -25.60 -0.56
CA THR A 103 -12.90 -24.97 0.60
C THR A 103 -12.20 -23.64 0.29
N LYS A 104 -12.29 -23.14 -0.93
CA LYS A 104 -11.43 -22.05 -1.36
C LYS A 104 -12.25 -20.79 -1.59
N LEU A 105 -11.78 -19.69 -1.00
CA LEU A 105 -12.40 -18.38 -1.15
C LEU A 105 -11.66 -17.63 -2.26
N TRP A 106 -12.40 -17.20 -3.28
CA TRP A 106 -11.85 -16.41 -4.36
C TRP A 106 -12.20 -14.94 -4.11
N ILE A 107 -11.19 -14.08 -4.05
CA ILE A 107 -11.41 -12.66 -3.85
C ILE A 107 -11.01 -11.94 -5.13
N ILE A 108 -11.94 -11.21 -5.73
CA ILE A 108 -11.72 -10.58 -7.03
C ILE A 108 -11.48 -9.08 -6.82
N MET A 109 -10.31 -8.61 -7.25
CA MET A 109 -9.91 -7.22 -7.13
C MET A 109 -9.60 -6.62 -8.50
N GLU A 110 -9.65 -5.29 -8.55
CA GLU A 110 -9.11 -4.52 -9.66
C GLU A 110 -7.67 -4.91 -9.96
N TYR A 111 -7.37 -5.14 -11.23
CA TYR A 111 -5.99 -5.43 -11.66
C TYR A 111 -5.29 -4.13 -12.02
N LEU A 112 -4.08 -3.93 -11.48
CA LEU A 112 -3.31 -2.71 -11.75
C LEU A 112 -2.00 -3.08 -12.43
N GLY A 113 -1.89 -2.81 -13.73
CA GLY A 113 -0.83 -3.40 -14.52
C GLY A 113 0.53 -2.74 -14.41
N GLY A 114 0.62 -1.63 -13.68
CA GLY A 114 1.91 -1.02 -13.44
C GLY A 114 2.71 -1.70 -12.36
N GLY A 115 2.08 -2.53 -11.54
CA GLY A 115 2.77 -3.18 -10.44
C GLY A 115 2.83 -2.28 -9.20
N SER A 116 3.56 -2.76 -8.20
CA SER A 116 3.65 -2.01 -6.95
C SER A 116 4.77 -0.98 -7.05
N ALA A 117 4.68 0.04 -6.19
CA ALA A 117 5.76 1.02 -6.13
C ALA A 117 7.06 0.35 -5.73
N LEU A 118 6.99 -0.67 -4.88
CA LEU A 118 8.19 -1.39 -4.50
C LEU A 118 8.84 -2.04 -5.71
N ASP A 119 8.03 -2.69 -6.57
CA ASP A 119 8.57 -3.27 -7.80
C ASP A 119 9.30 -2.24 -8.62
N LEU A 120 8.71 -1.04 -8.75
CA LEU A 120 9.24 0.01 -9.62
C LEU A 120 10.52 0.64 -9.08
N LEU A 121 10.95 0.26 -7.87
CA LEU A 121 12.25 0.69 -7.36
C LEU A 121 13.40 -0.15 -7.92
N GLU A 122 13.10 -1.29 -8.54
CA GLU A 122 14.15 -2.23 -8.93
C GLU A 122 15.15 -1.67 -9.94
N PRO A 123 14.76 -0.96 -11.01
CA PRO A 123 15.76 -0.56 -12.01
C PRO A 123 16.71 0.51 -11.52
N GLY A 124 16.40 1.22 -10.44
CA GLY A 124 17.26 2.28 -9.98
C GLY A 124 16.49 3.29 -9.16
N PRO A 125 17.16 4.34 -8.70
CA PRO A 125 16.51 5.29 -7.80
C PRO A 125 15.46 6.11 -8.50
N LEU A 126 14.42 6.47 -7.75
CA LEU A 126 13.43 7.43 -8.18
C LEU A 126 13.99 8.84 -8.11
N ASP A 127 13.52 9.72 -8.99
CA ASP A 127 13.83 11.13 -8.78
C ASP A 127 12.76 11.76 -7.89
N GLU A 128 13.02 12.99 -7.44
CA GLU A 128 12.13 13.59 -6.46
C GLU A 128 10.77 13.93 -7.04
N THR A 129 10.68 14.13 -8.37
CA THR A 129 9.37 14.31 -8.98
C THR A 129 8.54 13.03 -8.89
N GLN A 130 9.16 11.88 -9.15
CA GLN A 130 8.45 10.61 -9.02
C GLN A 130 8.06 10.35 -7.57
N ILE A 131 8.97 10.61 -6.63
CA ILE A 131 8.66 10.44 -5.22
C ILE A 131 7.49 11.32 -4.82
N ALA A 132 7.55 12.60 -5.21
CA ALA A 132 6.52 13.54 -4.80
C ALA A 132 5.17 13.17 -5.42
N THR A 133 5.19 12.71 -6.67
CA THR A 133 3.94 12.33 -7.31
C THR A 133 3.32 11.13 -6.63
N ILE A 134 4.12 10.11 -6.33
CA ILE A 134 3.59 8.93 -5.65
C ILE A 134 3.07 9.29 -4.26
N LEU A 135 3.86 10.05 -3.50
CA LEU A 135 3.41 10.44 -2.15
C LEU A 135 2.13 11.26 -2.20
N ARG A 136 2.01 12.17 -3.17
CA ARG A 136 0.78 12.96 -3.28
C ARG A 136 -0.43 12.06 -3.47
N GLU A 137 -0.34 11.10 -4.39
CA GLU A 137 -1.49 10.23 -4.62
C GLU A 137 -1.78 9.34 -3.42
N ILE A 138 -0.74 8.85 -2.74
CA ILE A 138 -0.97 8.13 -1.50
C ILE A 138 -1.73 9.02 -0.51
N LEU A 139 -1.31 10.28 -0.42
CA LEU A 139 -1.98 11.23 0.48
C LEU A 139 -3.44 11.44 0.10
N LYS A 140 -3.74 11.42 -1.20
CA LYS A 140 -5.14 11.53 -1.60
C LYS A 140 -5.94 10.33 -1.13
N GLY A 141 -5.34 9.13 -1.20
CA GLY A 141 -5.99 7.95 -0.65
C GLY A 141 -6.17 8.04 0.85
N LEU A 142 -5.15 8.51 1.57
CA LEU A 142 -5.26 8.64 3.02
C LEU A 142 -6.29 9.69 3.42
N ASP A 143 -6.33 10.80 2.68
CA ASP A 143 -7.34 11.82 2.93
C ASP A 143 -8.73 11.22 2.80
N TYR A 144 -8.95 10.41 1.76
CA TYR A 144 -10.25 9.76 1.61
C TYR A 144 -10.54 8.83 2.79
N LEU A 145 -9.60 7.94 3.11
CA LEU A 145 -9.84 6.96 4.17
C LEU A 145 -10.09 7.66 5.50
N HIS A 146 -9.21 8.59 5.85
CA HIS A 146 -9.34 9.26 7.13
C HIS A 146 -10.62 10.07 7.21
N SER A 147 -11.07 10.64 6.08
CA SER A 147 -12.36 11.32 6.09
C SER A 147 -13.51 10.34 6.30
N GLU A 148 -13.34 9.09 5.87
CA GLU A 148 -14.33 8.04 6.09
C GLU A 148 -14.18 7.35 7.44
N LYS A 149 -13.34 7.89 8.32
CA LYS A 149 -13.07 7.33 9.65
C LYS A 149 -12.48 5.92 9.57
N LYS A 150 -11.67 5.69 8.54
CA LYS A 150 -10.93 4.45 8.35
C LYS A 150 -9.44 4.71 8.51
N ILE A 151 -8.71 3.66 8.88
CA ILE A 151 -7.26 3.68 8.94
C ILE A 151 -6.75 2.58 8.03
N HIS A 152 -5.74 2.89 7.20
CA HIS A 152 -5.24 1.87 6.27
C HIS A 152 -4.49 0.77 7.01
N ARG A 153 -3.54 1.17 7.86
CA ARG A 153 -2.79 0.34 8.80
C ARG A 153 -1.62 -0.41 8.16
N ASP A 154 -1.43 -0.36 6.84
CA ASP A 154 -0.26 -1.02 6.27
C ASP A 154 0.25 -0.25 5.06
N ILE A 155 0.52 1.04 5.24
CA ILE A 155 1.11 1.88 4.20
C ILE A 155 2.59 1.52 4.05
N LYS A 156 2.97 1.10 2.84
CA LYS A 156 4.33 0.71 2.48
C LYS A 156 4.35 0.58 0.97
N ALA A 157 5.55 0.63 0.37
CA ALA A 157 5.64 0.65 -1.09
C ALA A 157 5.07 -0.62 -1.70
N ALA A 158 5.14 -1.75 -0.98
CA ALA A 158 4.59 -2.99 -1.50
C ALA A 158 3.07 -2.95 -1.64
N ASN A 159 2.40 -2.06 -0.92
CA ASN A 159 0.94 -1.98 -0.90
C ASN A 159 0.41 -0.78 -1.66
N VAL A 160 1.27 -0.14 -2.45
CA VAL A 160 0.90 0.96 -3.34
C VAL A 160 1.04 0.45 -4.77
N LEU A 161 -0.08 0.39 -5.49
CA LEU A 161 -0.15 -0.20 -6.82
C LEU A 161 -0.39 0.87 -7.86
N LEU A 162 0.15 0.66 -9.07
CA LEU A 162 0.02 1.61 -10.16
C LEU A 162 -0.70 0.95 -11.32
N SER A 163 -1.63 1.70 -11.92
CA SER A 163 -2.22 1.21 -13.17
C SER A 163 -1.20 1.36 -14.29
N GLU A 164 -1.50 0.74 -15.44
CA GLU A 164 -0.64 0.92 -16.60
C GLU A 164 -0.62 2.36 -17.11
N HIS A 165 -1.53 3.21 -16.62
CA HIS A 165 -1.56 4.63 -17.01
C HIS A 165 -0.86 5.51 -15.99
N GLY A 166 -0.31 4.93 -14.92
CA GLY A 166 0.34 5.72 -13.90
C GLY A 166 -0.54 6.11 -12.74
N GLU A 167 -1.81 5.68 -12.72
CA GLU A 167 -2.65 5.98 -11.56
C GLU A 167 -2.13 5.21 -10.36
N VAL A 168 -2.19 5.84 -9.17
CA VAL A 168 -1.62 5.29 -7.94
C VAL A 168 -2.75 4.97 -6.96
N LYS A 169 -2.77 3.76 -6.43
CA LYS A 169 -3.87 3.32 -5.56
C LYS A 169 -3.36 2.51 -4.38
N LEU A 170 -4.10 2.58 -3.28
CA LEU A 170 -3.75 1.83 -2.08
C LEU A 170 -4.38 0.45 -2.14
N ALA A 171 -3.64 -0.55 -1.64
CA ALA A 171 -4.06 -1.94 -1.61
C ALA A 171 -3.74 -2.51 -0.23
N ASP A 172 -4.17 -3.75 -0.02
CA ASP A 172 -3.82 -4.52 1.17
C ASP A 172 -3.88 -3.74 2.48
N PHE A 173 -5.06 -3.51 3.02
CA PHE A 173 -5.19 -2.90 4.33
C PHE A 173 -4.63 -3.82 5.41
N GLY A 174 -4.09 -3.22 6.47
CA GLY A 174 -3.62 -3.99 7.60
C GLY A 174 -4.75 -4.45 8.50
N VAL A 175 -4.45 -5.48 9.30
CA VAL A 175 -5.45 -6.08 10.18
C VAL A 175 -5.58 -5.24 11.44
N ALA A 176 -6.80 -4.92 11.82
CA ALA A 176 -7.06 -4.09 12.99
C ALA A 176 -6.88 -4.87 14.30
N THR A 192 5.45 -7.78 10.14
CA THR A 192 6.77 -7.16 9.97
C THR A 192 6.73 -5.71 10.44
N PRO A 193 7.73 -5.30 11.22
CA PRO A 193 7.57 -4.07 12.01
C PRO A 193 8.09 -2.77 11.41
N PHE A 194 8.77 -2.79 10.26
CA PHE A 194 9.60 -1.66 9.82
C PHE A 194 8.79 -0.40 9.56
N TRP A 195 7.52 -0.53 9.18
CA TRP A 195 6.67 0.62 8.85
C TRP A 195 5.73 1.02 9.97
N MET A 196 5.77 0.34 11.12
CA MET A 196 4.82 0.56 12.20
C MET A 196 5.21 1.78 13.04
N ALA A 197 4.22 2.60 13.37
CA ALA A 197 4.43 3.71 14.29
C ALA A 197 4.73 3.19 15.69
N PRO A 198 5.48 3.96 16.49
CA PRO A 198 5.82 3.48 17.84
C PRO A 198 4.60 3.19 18.70
N GLU A 199 3.53 4.01 18.60
CA GLU A 199 2.37 3.77 19.44
C GLU A 199 1.63 2.50 19.03
N VAL A 200 1.72 2.11 17.75
CA VAL A 200 1.13 0.84 17.33
C VAL A 200 1.89 -0.32 17.96
N ILE A 201 3.23 -0.25 17.97
CA ILE A 201 4.03 -1.31 18.57
C ILE A 201 3.79 -1.38 20.07
N LYS A 202 3.72 -0.24 20.74
CA LYS A 202 3.48 -0.27 22.17
C LYS A 202 2.03 -0.64 22.53
N GLN A 203 1.23 -1.02 21.53
CA GLN A 203 -0.17 -1.42 21.70
C GLN A 203 -0.98 -0.33 22.40
N SER A 204 -0.55 0.91 22.22
CA SER A 204 -1.36 2.04 22.66
C SER A 204 -2.51 2.26 21.69
N ALA A 205 -3.60 2.82 22.20
CA ALA A 205 -4.69 3.22 21.33
C ALA A 205 -4.17 4.23 20.32
N TYR A 206 -4.31 3.91 19.04
CA TYR A 206 -3.77 4.75 17.98
C TYR A 206 -4.90 5.15 17.04
N ASP A 207 -4.62 6.12 16.18
CA ASP A 207 -5.61 6.65 15.27
C ASP A 207 -4.98 6.78 13.88
N SER A 208 -5.57 7.63 13.04
CA SER A 208 -5.12 7.82 11.67
C SER A 208 -3.70 8.36 11.58
N LYS A 209 -3.18 8.97 12.64
CA LYS A 209 -1.82 9.49 12.58
C LYS A 209 -0.79 8.38 12.47
N ALA A 210 -1.17 7.15 12.82
CA ALA A 210 -0.28 6.01 12.58
C ALA A 210 -0.01 5.84 11.10
N ASP A 211 -1.02 6.06 10.25
CA ASP A 211 -0.79 6.03 8.80
C ASP A 211 0.18 7.12 8.35
N ILE A 212 0.18 8.28 9.03
CA ILE A 212 1.09 9.37 8.65
C ILE A 212 2.53 8.97 8.96
N TRP A 213 2.76 8.33 10.12
CA TRP A 213 4.09 7.77 10.39
C TRP A 213 4.49 6.79 9.30
N SER A 214 3.61 5.83 9.00
CA SER A 214 3.93 4.83 7.97
C SER A 214 4.24 5.49 6.64
N LEU A 215 3.54 6.58 6.32
CA LEU A 215 3.82 7.35 5.11
C LEU A 215 5.23 7.91 5.13
N GLY A 216 5.68 8.40 6.30
CA GLY A 216 7.04 8.89 6.41
C GLY A 216 8.06 7.78 6.16
N ILE A 217 7.80 6.58 6.70
CA ILE A 217 8.69 5.46 6.43
C ILE A 217 8.66 5.15 4.94
N THR A 218 7.46 5.19 4.35
CA THR A 218 7.33 4.89 2.92
C THR A 218 8.07 5.94 2.08
N ALA A 219 8.05 7.20 2.52
CA ALA A 219 8.83 8.22 1.82
C ALA A 219 10.32 7.88 1.83
N ILE A 220 10.86 7.43 2.98
CA ILE A 220 12.26 7.01 3.02
C ILE A 220 12.48 5.83 2.09
N GLU A 221 11.54 4.88 2.09
CA GLU A 221 11.65 3.70 1.24
C GLU A 221 11.65 4.06 -0.24
N LEU A 222 10.81 5.04 -0.64
CA LEU A 222 10.80 5.48 -2.05
C LEU A 222 12.09 6.21 -2.41
N ALA A 223 12.73 6.88 -1.45
CA ALA A 223 13.95 7.64 -1.71
C ALA A 223 15.18 6.74 -1.69
N ARG A 224 15.21 5.77 -0.77
CA ARG A 224 16.41 5.01 -0.51
C ARG A 224 16.31 3.54 -0.94
N GLY A 225 15.10 3.04 -1.20
CA GLY A 225 14.93 1.68 -1.65
C GLY A 225 14.48 0.70 -0.57
N GLU A 226 14.65 1.04 0.71
CA GLU A 226 14.39 0.18 1.86
C GLU A 226 13.99 1.06 3.03
N PRO A 227 13.20 0.55 3.98
CA PRO A 227 12.88 1.34 5.18
C PRO A 227 14.08 1.41 6.10
N PRO A 228 14.05 2.31 7.09
CA PRO A 228 15.06 2.26 8.15
C PRO A 228 15.11 0.90 8.82
N HIS A 229 16.32 0.50 9.23
CA HIS A 229 16.57 -0.72 9.99
C HIS A 229 16.40 -1.98 9.16
N SER A 230 16.37 -1.87 7.82
CA SER A 230 16.04 -3.00 6.98
C SER A 230 17.06 -4.12 7.08
N GLU A 231 18.26 -3.83 7.57
CA GLU A 231 19.31 -4.82 7.76
C GLU A 231 19.13 -5.63 9.04
N LEU A 232 18.28 -5.21 9.97
CA LEU A 232 18.25 -5.77 11.31
C LEU A 232 17.15 -6.83 11.44
N HIS A 233 17.34 -7.69 12.44
CA HIS A 233 16.32 -8.70 12.73
C HIS A 233 15.04 -8.01 13.21
N PRO A 234 13.87 -8.46 12.77
CA PRO A 234 12.61 -7.80 13.15
C PRO A 234 12.41 -7.66 14.66
N MET A 235 12.86 -8.63 15.45
CA MET A 235 12.70 -8.51 16.89
C MET A 235 13.52 -7.35 17.45
N LYS A 236 14.68 -7.07 16.87
CA LYS A 236 15.45 -5.89 17.26
C LYS A 236 14.73 -4.60 16.86
N VAL A 237 14.19 -4.58 15.64
CA VAL A 237 13.43 -3.42 15.18
C VAL A 237 12.25 -3.12 16.11
N LEU A 238 11.63 -4.18 16.65
CA LEU A 238 10.48 -4.03 17.53
C LEU A 238 10.79 -3.18 18.75
N PHE A 239 11.99 -3.29 19.31
CA PHE A 239 12.29 -2.41 20.43
C PHE A 239 13.00 -1.13 20.01
N LEU A 240 13.63 -1.13 18.83
CA LEU A 240 14.33 0.07 18.40
C LEU A 240 13.36 1.19 18.03
N ILE A 241 12.21 0.85 17.41
CA ILE A 241 11.28 1.91 16.99
C ILE A 241 10.76 2.71 18.19
N PRO A 242 10.26 2.08 19.27
CA PRO A 242 9.89 2.88 20.45
C PRO A 242 11.08 3.48 21.17
N LYS A 243 12.24 2.82 21.15
CA LYS A 243 13.39 3.29 21.94
C LYS A 243 14.09 4.48 21.29
N ASN A 244 14.30 4.44 19.98
CA ASN A 244 15.16 5.42 19.31
C ASN A 244 14.40 6.69 18.95
N ASN A 245 15.17 7.76 18.75
CA ASN A 245 14.64 8.91 18.05
C ASN A 245 14.14 8.47 16.67
N PRO A 246 13.18 9.18 16.09
CA PRO A 246 12.62 8.74 14.82
C PRO A 246 13.67 8.77 13.73
N PRO A 247 13.51 7.95 12.70
CA PRO A 247 14.46 7.99 11.59
C PRO A 247 14.41 9.33 10.88
N THR A 248 15.50 9.65 10.21
CA THR A 248 15.56 10.77 9.28
C THR A 248 16.02 10.25 7.92
N LEU A 249 15.75 11.05 6.90
CA LEU A 249 16.21 10.70 5.55
C LEU A 249 17.66 11.19 5.37
N GLU A 250 18.57 10.25 5.17
CA GLU A 250 19.99 10.55 5.05
C GLU A 250 20.42 10.38 3.61
N GLY A 251 21.18 11.35 3.10
CA GLY A 251 21.63 11.37 1.73
C GLY A 251 21.41 12.73 1.11
N ASN A 252 21.80 12.83 -0.17
CA ASN A 252 21.76 14.12 -0.87
C ASN A 252 20.37 14.34 -1.48
N TYR A 253 19.42 14.58 -0.60
CA TYR A 253 18.03 14.84 -0.96
C TYR A 253 17.66 16.28 -0.64
N SER A 254 16.66 16.82 -1.34
CA SER A 254 16.32 18.21 -1.10
C SER A 254 15.87 18.40 0.35
N LYS A 255 16.12 19.61 0.87
CA LYS A 255 15.64 19.92 2.21
C LYS A 255 14.12 19.77 2.33
N PRO A 256 13.30 20.19 1.36
CA PRO A 256 11.85 19.94 1.52
C PRO A 256 11.49 18.46 1.65
N LEU A 257 12.17 17.56 0.94
CA LEU A 257 11.87 16.14 1.11
C LEU A 257 12.30 15.67 2.50
N LYS A 258 13.48 16.06 2.97
CA LYS A 258 13.87 15.71 4.34
C LYS A 258 12.87 16.26 5.35
N GLU A 259 12.34 17.46 5.11
CA GLU A 259 11.39 18.04 6.06
C GLU A 259 10.04 17.35 5.99
N PHE A 260 9.63 16.91 4.80
CA PHE A 260 8.42 16.11 4.67
C PHE A 260 8.52 14.84 5.52
N VAL A 261 9.64 14.13 5.40
CA VAL A 261 9.90 12.94 6.21
C VAL A 261 9.87 13.28 7.69
N GLU A 262 10.58 14.34 8.08
CA GLU A 262 10.63 14.71 9.49
C GLU A 262 9.24 15.03 10.03
N ALA A 263 8.41 15.69 9.22
CA ALA A 263 7.07 16.02 9.67
C ALA A 263 6.27 14.77 9.99
N CYS A 264 6.36 13.76 9.12
CA CYS A 264 5.62 12.52 9.33
C CYS A 264 6.17 11.74 10.51
N LEU A 265 7.49 11.73 10.67
CA LEU A 265 8.15 10.87 11.65
C LEU A 265 8.43 11.64 12.94
N ASN A 266 7.35 12.08 13.56
CA ASN A 266 7.41 12.62 14.91
C ASN A 266 6.92 11.54 15.86
N LYS A 267 7.64 11.34 16.97
CA LYS A 267 7.19 10.34 17.94
C LYS A 267 5.83 10.68 18.50
N GLU A 268 5.49 11.98 18.59
CA GLU A 268 4.22 12.41 19.13
C GLU A 268 3.18 12.44 18.02
N PRO A 269 2.16 11.58 18.05
CA PRO A 269 1.19 11.56 16.94
C PRO A 269 0.48 12.89 16.71
N SER A 270 0.18 13.65 17.77
CA SER A 270 -0.51 14.92 17.58
C SER A 270 0.38 15.95 16.90
N PHE A 271 1.70 15.73 16.88
CA PHE A 271 2.60 16.62 16.15
C PHE A 271 2.74 16.23 14.68
N ARG A 272 2.20 15.08 14.28
CA ARG A 272 2.21 14.74 12.86
C ARG A 272 1.09 15.50 12.14
N PRO A 273 1.34 16.02 10.94
CA PRO A 273 0.28 16.70 10.20
C PRO A 273 -0.76 15.71 9.69
N THR A 274 -1.91 16.25 9.32
CA THR A 274 -2.93 15.43 8.66
C THR A 274 -2.57 15.21 7.19
N ALA A 275 -3.25 14.25 6.56
CA ALA A 275 -3.06 14.06 5.13
C ALA A 275 -3.45 15.31 4.36
N LYS A 276 -4.56 15.96 4.74
CA LYS A 276 -4.97 17.20 4.09
C LYS A 276 -3.85 18.23 4.11
N GLU A 277 -3.21 18.41 5.27
CA GLU A 277 -2.16 19.41 5.37
C GLU A 277 -0.93 19.02 4.55
N LEU A 278 -0.57 17.73 4.55
CA LEU A 278 0.61 17.28 3.82
C LEU A 278 0.44 17.44 2.31
N LEU A 279 -0.81 17.39 1.83
CA LEU A 279 -1.06 17.65 0.41
C LEU A 279 -0.66 19.07 0.01
N LYS A 280 -0.55 20.00 0.97
CA LYS A 280 -0.08 21.34 0.70
C LYS A 280 1.38 21.56 1.10
N HIS A 281 2.10 20.50 1.45
CA HIS A 281 3.50 20.63 1.84
C HIS A 281 4.34 21.09 0.64
N LYS A 282 5.34 21.94 0.92
CA LYS A 282 6.14 22.49 -0.18
C LYS A 282 6.81 21.39 -0.99
N PHE A 283 7.23 20.29 -0.37
CA PHE A 283 7.85 19.25 -1.18
C PHE A 283 6.89 18.74 -2.25
N ILE A 284 5.63 18.51 -1.86
CA ILE A 284 4.63 18.06 -2.81
C ILE A 284 4.36 19.13 -3.86
N LEU A 285 4.06 20.35 -3.42
CA LEU A 285 3.68 21.41 -4.35
C LEU A 285 4.79 21.75 -5.33
N ARG A 286 6.06 21.70 -4.90
CA ARG A 286 7.15 22.08 -5.78
C ARG A 286 7.60 20.97 -6.72
N ASN A 287 7.29 19.70 -6.40
CA ASN A 287 7.88 18.60 -7.14
C ASN A 287 6.88 17.66 -7.81
N ALA A 288 5.66 17.53 -7.28
CA ALA A 288 4.74 16.56 -7.87
C ALA A 288 4.24 17.05 -9.22
N LYS A 289 4.06 16.10 -10.16
CA LYS A 289 3.56 16.41 -11.49
C LYS A 289 2.44 15.45 -11.88
N LYS A 290 1.99 15.51 -13.14
CA LYS A 290 0.95 14.63 -13.66
C LYS A 290 1.27 13.16 -13.40
N THR A 291 0.27 12.38 -12.98
CA THR A 291 0.52 10.95 -12.75
C THR A 291 0.85 10.23 -14.04
N SER A 292 0.39 10.75 -15.18
CA SER A 292 0.67 10.08 -16.45
C SER A 292 2.16 9.98 -16.72
N TYR A 293 2.96 10.88 -16.12
CA TYR A 293 4.41 10.81 -16.29
C TYR A 293 4.98 9.56 -15.67
N LEU A 294 4.25 8.93 -14.73
CA LEU A 294 4.75 7.71 -14.11
C LEU A 294 4.76 6.53 -15.08
N THR A 295 4.14 6.65 -16.26
CA THR A 295 4.30 5.58 -17.24
C THR A 295 5.76 5.43 -17.65
N GLU A 296 6.54 6.52 -17.61
CA GLU A 296 7.96 6.38 -17.91
C GLU A 296 8.65 5.48 -16.88
N LEU A 297 8.21 5.57 -15.63
CA LEU A 297 8.73 4.70 -14.58
C LEU A 297 8.31 3.26 -14.83
N ILE A 298 7.06 3.04 -15.21
CA ILE A 298 6.61 1.69 -15.51
C ILE A 298 7.38 1.12 -16.70
N ASP A 299 7.60 1.94 -17.74
CA ASP A 299 8.36 1.47 -18.90
C ASP A 299 9.79 1.08 -18.50
N ALA A 300 10.40 1.86 -17.62
CA ALA A 300 11.76 1.57 -17.20
C ALA A 300 11.84 0.21 -16.51
N HIS A 301 10.79 -0.16 -15.76
CA HIS A 301 10.72 -1.48 -15.16
C HIS A 301 10.51 -2.56 -16.22
N HIS A 302 9.74 -2.27 -17.27
CA HIS A 302 9.56 -3.25 -18.33
C HIS A 302 10.86 -3.52 -19.09
N HIS A 303 11.61 -2.46 -19.41
CA HIS A 303 12.86 -2.62 -20.14
C HIS A 303 13.98 -3.20 -19.28
N HIS A 304 13.90 -3.03 -17.96
CA HIS A 304 14.89 -3.61 -17.06
C HIS A 304 14.79 -5.13 -17.04
N HIS A 305 13.63 -5.68 -17.35
CA HIS A 305 13.41 -7.13 -17.38
C HIS A 305 13.38 -7.66 -18.82
#